data_5F85
#
_entry.id   5F85
#
_cell.length_a   269.829
_cell.length_b   269.829
_cell.length_c   47.280
_cell.angle_alpha   90.00
_cell.angle_beta   90.00
_cell.angle_gamma   120.00
#
_symmetry.space_group_name_H-M   'H 3 2'
#
loop_
_entity.id
_entity.type
_entity.pdbx_description
1 polymer 'O-glucosyltransferase rumi'
2 polymer 'Coagulation factor IX'
3 non-polymer "URIDINE-5'-DIPHOSPHATE"
4 non-polymer GLYCEROL
5 non-polymer 'SULFATE ION'
6 water water
#
loop_
_entity_poly.entity_id
_entity_poly.type
_entity_poly.pdbx_seq_one_letter_code
_entity_poly.pdbx_strand_id
1 'polypeptide(L)'
;AAQPAEALEDDGLCSADQKSCAQSEPDQINEDEFSFKIRRQIEKANADYKPCSSDPQDSDCSCHANVLKRDLAPYKSTGV
TRQMIESSARYGTKYKIYGHRLYRDANCMFPARCEGIEHFLLPLVATLPDMDLIINTRDYPQLNAAWGNAAGGPVFSFSK
TKEYRDIMYPAWTFWAGGPATKLHPRGIGRWDQMREKLEKRAAAIPWSQKRSLGFFRGSRTSDERDSLILLSRRNPELVE
AQYTKNQGWKSPKDTLDAPAADEVSFEDHCKYKYLFNFRGVAASFRLKHLFLCKSLVFHVGDEWQEFFYDQLKPWVHYVP
LKSYPSQQEYEHILSFFKKNDALAQEIAQRGYDFIWEHLRMKDIKCYWRKLLKRYVKLLQYEVKPEDQLIYIGPKARALV
PR
;
A
2 'polypeptide(L)' MDIVDGDQCESNPCLNGGSCKDDINSYECWCPFGFEGKNCELLEHHHHHH B
#
loop_
_chem_comp.id
_chem_comp.type
_chem_comp.name
_chem_comp.formula
GOL non-polymer GLYCEROL 'C3 H8 O3'
SO4 non-polymer 'SULFATE ION' 'O4 S -2'
UDP RNA linking URIDINE-5'-DIPHOSPHATE 'C9 H14 N2 O12 P2'
#
# COMPACT_ATOMS: atom_id res chain seq x y z
N ASN A 30 -24.70 -6.89 27.48
CA ASN A 30 -23.72 -7.55 26.54
C ASN A 30 -23.42 -6.62 25.35
N GLU A 31 -24.47 -6.25 24.62
CA GLU A 31 -24.40 -5.24 23.58
C GLU A 31 -24.02 -3.86 24.17
N ASP A 32 -24.49 -3.59 25.40
CA ASP A 32 -24.23 -2.33 26.09
C ASP A 32 -22.77 -2.11 26.51
N GLU A 33 -22.13 -3.16 27.00
CA GLU A 33 -20.74 -3.06 27.41
C GLU A 33 -19.89 -2.79 26.18
N PHE A 34 -20.24 -3.46 25.08
CA PHE A 34 -19.57 -3.31 23.78
C PHE A 34 -19.66 -1.85 23.31
N SER A 35 -20.88 -1.33 23.27
CA SER A 35 -21.12 0.06 22.91
C SER A 35 -20.29 1.08 23.71
N PHE A 36 -20.30 0.96 25.03
CA PHE A 36 -19.58 1.88 25.90
C PHE A 36 -18.09 1.92 25.57
N LYS A 37 -17.53 0.73 25.37
CA LYS A 37 -16.11 0.57 25.06
C LYS A 37 -15.78 1.35 23.79
N ILE A 38 -16.56 1.14 22.74
CA ILE A 38 -16.29 1.74 21.42
C ILE A 38 -16.49 3.27 21.44
N ARG A 39 -17.64 3.69 21.95
CA ARG A 39 -17.91 5.11 22.09
C ARG A 39 -16.82 5.77 22.95
N ARG A 40 -16.44 5.11 24.03
CA ARG A 40 -15.31 5.59 24.83
C ARG A 40 -14.05 5.78 23.96
N GLN A 41 -13.75 4.78 23.14
CA GLN A 41 -12.55 4.82 22.27
C GLN A 41 -12.67 5.93 21.21
N ILE A 42 -13.87 6.10 20.67
CA ILE A 42 -14.15 7.18 19.71
C ILE A 42 -13.91 8.59 20.28
N GLU A 43 -14.60 8.88 21.39
CA GLU A 43 -14.51 10.19 22.04
C GLU A 43 -13.06 10.51 22.42
N LYS A 44 -12.38 9.55 23.03
CA LYS A 44 -10.97 9.69 23.40
C LYS A 44 -10.09 10.02 22.17
N ALA A 45 -10.32 9.29 21.06
CA ALA A 45 -9.55 9.45 19.82
C ALA A 45 -9.77 10.83 19.22
N ASN A 46 -11.04 11.19 19.05
CA ASN A 46 -11.39 12.49 18.48
C ASN A 46 -10.97 13.69 19.32
N ALA A 47 -11.07 13.58 20.64
CA ALA A 47 -10.64 14.66 21.52
C ALA A 47 -9.13 14.89 21.43
N ASP A 48 -8.37 13.81 21.25
CA ASP A 48 -6.91 13.92 21.17
C ASP A 48 -6.40 14.20 19.75
N TYR A 49 -7.30 14.20 18.79
CA TYR A 49 -6.93 14.34 17.38
C TYR A 49 -6.52 15.78 16.97
N LYS A 50 -5.28 15.93 16.53
CA LYS A 50 -4.82 17.15 15.88
C LYS A 50 -4.60 16.87 14.39
N PRO A 51 -5.12 17.73 13.49
CA PRO A 51 -4.90 17.56 12.04
C PRO A 51 -3.42 17.50 11.68
N CYS A 52 -3.11 16.85 10.55
CA CYS A 52 -1.70 16.57 10.20
C CYS A 52 -0.95 17.81 9.76
N SER A 53 -1.68 18.84 9.33
CA SER A 53 -1.08 20.13 9.00
C SER A 53 -1.98 21.29 9.46
N SER A 54 -1.34 22.38 9.86
CA SER A 54 -2.04 23.57 10.38
C SER A 54 -3.15 24.08 9.45
N ASP A 55 -2.87 24.15 8.15
CA ASP A 55 -3.92 24.41 7.16
C ASP A 55 -4.09 23.20 6.23
N PRO A 56 -5.31 22.99 5.71
CA PRO A 56 -5.61 21.83 4.86
C PRO A 56 -4.79 21.70 3.57
N GLN A 57 -4.18 22.80 3.11
CA GLN A 57 -3.38 22.80 1.87
C GLN A 57 -1.98 22.20 2.04
N ASP A 58 -1.57 22.05 3.31
CA ASP A 58 -0.23 21.52 3.67
C ASP A 58 0.85 21.97 2.69
N SER A 59 1.04 23.29 2.65
CA SER A 59 1.88 23.94 1.65
C SER A 59 3.36 23.51 1.72
N ASP A 60 3.85 23.17 2.90
CA ASP A 60 5.26 22.80 3.08
C ASP A 60 5.49 21.28 3.23
N CYS A 61 4.47 20.49 2.86
CA CYS A 61 4.59 19.02 2.81
C CYS A 61 4.97 18.41 4.16
N SER A 62 4.19 18.73 5.19
CA SER A 62 4.49 18.31 6.55
C SER A 62 3.57 17.22 7.08
N CYS A 63 2.45 16.99 6.39
CA CYS A 63 1.47 16.00 6.83
C CYS A 63 2.07 14.64 7.24
N HIS A 64 2.96 14.08 6.42
CA HIS A 64 3.53 12.74 6.66
C HIS A 64 4.98 12.78 7.03
N ALA A 65 5.42 13.91 7.56
CA ALA A 65 6.84 14.15 7.86
C ALA A 65 7.35 13.36 9.06
N ASN A 66 6.46 13.07 10.02
CA ASN A 66 6.79 12.22 11.18
C ASN A 66 7.43 10.90 10.75
N VAL A 67 6.85 10.29 9.71
CA VAL A 67 7.27 8.98 9.20
C VAL A 67 8.65 9.04 8.59
N LEU A 68 8.87 10.00 7.70
CA LEU A 68 10.18 10.14 7.05
C LEU A 68 11.30 10.52 8.02
N LYS A 69 10.96 11.28 9.06
CA LYS A 69 11.89 11.59 10.14
C LYS A 69 12.30 10.31 10.88
N ARG A 70 11.30 9.58 11.38
CA ARG A 70 11.51 8.32 12.07
C ARG A 70 12.29 7.30 11.26
N ASP A 71 11.96 7.17 9.97
CA ASP A 71 12.64 6.19 9.11
C ASP A 71 14.12 6.53 8.93
N LEU A 72 14.41 7.82 8.77
CA LEU A 72 15.79 8.28 8.55
C LEU A 72 16.61 8.44 9.85
N ALA A 73 15.93 8.61 10.98
CA ALA A 73 16.57 8.85 12.29
C ALA A 73 17.74 7.91 12.68
N PRO A 74 17.59 6.58 12.50
CA PRO A 74 18.65 5.64 12.91
C PRO A 74 20.00 5.84 12.21
N TYR A 75 20.02 6.74 11.23
CA TYR A 75 21.24 7.02 10.45
C TYR A 75 21.81 8.38 10.81
N LYS A 76 21.04 9.15 11.58
CA LYS A 76 21.29 10.58 11.82
C LYS A 76 22.69 10.91 12.36
N SER A 77 23.21 10.06 13.23
CA SER A 77 24.49 10.35 13.89
C SER A 77 25.69 9.84 13.11
N THR A 78 25.66 8.57 12.69
CA THR A 78 26.79 7.97 11.97
C THR A 78 26.75 8.30 10.49
N GLY A 79 25.55 8.43 9.92
CA GLY A 79 25.40 8.66 8.49
C GLY A 79 25.58 7.39 7.68
N VAL A 80 25.73 7.54 6.37
CA VAL A 80 25.74 6.42 5.44
C VAL A 80 27.08 6.28 4.72
N THR A 81 27.82 5.22 5.05
CA THR A 81 29.11 4.96 4.40
C THR A 81 28.88 4.30 3.05
N ARG A 82 29.81 4.53 2.11
CA ARG A 82 29.80 3.84 0.82
C ARG A 82 29.71 2.33 1.03
N GLN A 83 30.38 1.84 2.06
CA GLN A 83 30.33 0.44 2.45
C GLN A 83 28.90 0.00 2.80
N MET A 84 28.15 0.86 3.49
CA MET A 84 26.75 0.56 3.82
C MET A 84 25.90 0.42 2.55
N ILE A 85 26.07 1.34 1.60
CA ILE A 85 25.42 1.27 0.30
C ILE A 85 25.76 -0.01 -0.47
N GLU A 86 27.05 -0.35 -0.51
CA GLU A 86 27.52 -1.57 -1.17
C GLU A 86 27.04 -2.83 -0.43
N SER A 87 26.96 -2.75 0.89
CA SER A 87 26.45 -3.85 1.72
C SER A 87 24.96 -4.14 1.43
N SER A 88 24.19 -3.07 1.21
CA SER A 88 22.74 -3.15 1.01
C SER A 88 22.32 -3.40 -0.44
N ALA A 89 23.22 -3.19 -1.41
CA ALA A 89 22.84 -3.33 -2.82
C ALA A 89 22.12 -4.65 -3.15
N ARG A 90 22.44 -5.69 -2.39
CA ARG A 90 21.86 -7.02 -2.61
C ARG A 90 20.39 -7.13 -2.22
N TYR A 91 19.85 -6.10 -1.57
CA TYR A 91 18.46 -6.12 -1.07
C TYR A 91 17.43 -5.40 -1.95
N GLY A 92 17.86 -4.91 -3.10
CA GLY A 92 16.96 -4.13 -3.95
C GLY A 92 17.58 -3.72 -5.26
N THR A 93 16.93 -2.78 -5.92
CA THR A 93 17.41 -2.26 -7.19
C THR A 93 18.22 -0.98 -6.93
N LYS A 94 19.47 -0.97 -7.39
CA LYS A 94 20.36 0.18 -7.23
C LYS A 94 19.91 1.31 -8.16
N TYR A 95 19.58 2.46 -7.60
CA TYR A 95 19.38 3.65 -8.40
C TYR A 95 20.49 4.63 -8.07
N LYS A 96 20.94 5.34 -9.08
CA LYS A 96 21.93 6.37 -8.89
C LYS A 96 21.50 7.64 -9.58
N ILE A 97 21.39 8.71 -8.80
CA ILE A 97 21.34 10.06 -9.34
C ILE A 97 22.78 10.55 -9.38
N TYR A 98 23.29 10.79 -10.59
CA TYR A 98 24.64 11.32 -10.76
C TYR A 98 24.65 12.48 -11.76
N GLY A 99 24.73 13.70 -11.23
CA GLY A 99 24.77 14.89 -12.05
C GLY A 99 23.50 15.07 -12.86
N HIS A 100 22.37 15.02 -12.16
CA HIS A 100 21.03 15.25 -12.76
C HIS A 100 20.66 14.30 -13.85
N ARG A 101 21.21 13.09 -13.78
CA ARG A 101 20.78 11.98 -14.62
C ARG A 101 20.51 10.75 -13.75
N LEU A 102 19.57 9.90 -14.20
CA LEU A 102 19.20 8.70 -13.46
C LEU A 102 19.82 7.46 -14.07
N TYR A 103 20.53 6.71 -13.22
CA TYR A 103 21.11 5.42 -13.60
C TYR A 103 20.55 4.31 -12.72
N ARG A 104 20.47 3.11 -13.27
CA ARG A 104 19.86 1.99 -12.56
C ARG A 104 20.55 0.70 -12.99
N ASP A 105 20.54 -0.30 -12.11
CA ASP A 105 20.85 -1.67 -12.52
C ASP A 105 20.10 -1.99 -13.81
N ALA A 106 20.76 -2.69 -14.72
CA ALA A 106 20.11 -3.11 -15.96
C ALA A 106 18.88 -3.98 -15.62
N ASN A 107 19.03 -4.83 -14.62
CA ASN A 107 18.01 -5.78 -14.24
C ASN A 107 17.11 -5.26 -13.11
N CYS A 108 15.93 -4.78 -13.47
CA CYS A 108 14.88 -4.54 -12.49
C CYS A 108 14.13 -5.85 -12.27
N MET A 109 14.00 -6.27 -11.01
CA MET A 109 13.27 -7.48 -10.72
C MET A 109 11.79 -7.35 -11.08
N PHE A 110 11.21 -6.16 -10.89
CA PHE A 110 9.83 -5.91 -11.33
C PHE A 110 9.77 -4.65 -12.19
N PRO A 111 9.95 -4.82 -13.53
CA PRO A 111 10.08 -3.69 -14.44
C PRO A 111 8.94 -2.69 -14.39
N ALA A 112 7.71 -3.20 -14.27
CA ALA A 112 6.56 -2.31 -14.20
C ALA A 112 6.56 -1.51 -12.90
N ARG A 113 7.12 -2.08 -11.83
CA ARG A 113 7.25 -1.36 -10.56
C ARG A 113 8.32 -0.26 -10.63
N CYS A 114 9.44 -0.59 -11.29
CA CYS A 114 10.49 0.38 -11.60
C CYS A 114 9.94 1.54 -12.42
N GLU A 115 9.08 1.26 -13.39
CA GLU A 115 8.42 2.31 -14.18
C GLU A 115 7.62 3.25 -13.29
N GLY A 116 6.86 2.67 -12.35
CA GLY A 116 6.09 3.45 -11.40
C GLY A 116 6.95 4.38 -10.59
N ILE A 117 8.05 3.85 -10.07
CA ILE A 117 8.99 4.62 -9.24
C ILE A 117 9.66 5.74 -10.04
N GLU A 118 10.05 5.41 -11.27
CA GLU A 118 10.78 6.32 -12.15
C GLU A 118 9.92 7.52 -12.58
N HIS A 119 8.59 7.31 -12.61
CA HIS A 119 7.67 8.40 -12.88
C HIS A 119 7.86 9.55 -11.94
N PHE A 120 8.19 9.22 -10.69
CA PHE A 120 8.37 10.23 -9.64
C PHE A 120 9.81 10.71 -9.51
N LEU A 121 10.77 9.82 -9.76
CA LEU A 121 12.17 10.17 -9.60
C LEU A 121 12.60 11.14 -10.68
N LEU A 122 12.21 10.85 -11.91
CA LEU A 122 12.65 11.57 -13.10
C LEU A 122 12.49 13.08 -13.12
N PRO A 123 11.31 13.60 -12.74
CA PRO A 123 11.14 15.06 -12.68
C PRO A 123 11.90 15.74 -11.55
N LEU A 124 12.42 14.96 -10.60
CA LEU A 124 13.12 15.52 -9.45
C LEU A 124 14.64 15.50 -9.65
N VAL A 125 15.07 14.82 -10.70
CA VAL A 125 16.49 14.52 -10.88
C VAL A 125 17.28 15.76 -11.34
N ALA A 126 16.58 16.68 -12.01
CA ALA A 126 17.14 17.97 -12.42
C ALA A 126 17.48 18.89 -11.23
N THR A 127 16.71 18.77 -10.16
CA THR A 127 16.84 19.68 -9.00
C THR A 127 17.33 18.97 -7.74
N LEU A 128 18.13 17.92 -7.93
CA LEU A 128 18.49 17.05 -6.82
C LEU A 128 19.96 16.64 -6.92
N PRO A 129 20.65 16.54 -5.76
CA PRO A 129 22.07 16.20 -5.76
C PRO A 129 22.31 14.73 -6.07
N ASP A 130 23.57 14.32 -6.08
CA ASP A 130 23.94 12.93 -6.28
C ASP A 130 23.53 12.07 -5.08
N MET A 131 23.19 10.81 -5.35
CA MET A 131 22.88 9.84 -4.30
C MET A 131 22.71 8.44 -4.86
N ASP A 132 23.03 7.45 -4.02
CA ASP A 132 22.75 6.06 -4.33
C ASP A 132 21.52 5.63 -3.55
N LEU A 133 20.61 4.94 -4.25
CA LEU A 133 19.37 4.50 -3.62
C LEU A 133 19.20 3.02 -3.87
N ILE A 134 19.15 2.24 -2.80
CA ILE A 134 18.78 0.85 -2.91
C ILE A 134 17.25 0.75 -2.74
N ILE A 135 16.55 0.63 -3.86
CA ILE A 135 15.09 0.62 -3.78
C ILE A 135 14.57 -0.79 -3.99
N ASN A 136 14.09 -1.38 -2.91
CA ASN A 136 13.47 -2.69 -2.96
C ASN A 136 12.05 -2.60 -3.57
N THR A 137 11.83 -3.34 -4.67
CA THR A 137 10.55 -3.36 -5.38
C THR A 137 9.70 -4.63 -5.08
N ARG A 138 10.16 -5.44 -4.16
CA ARG A 138 9.48 -6.63 -3.73
C ARG A 138 8.44 -6.21 -2.73
N ASP A 139 7.45 -7.04 -2.51
CA ASP A 139 6.41 -6.76 -1.57
C ASP A 139 6.89 -6.59 -0.15
N TYR A 140 7.69 -7.52 0.31
CA TYR A 140 8.17 -7.58 1.67
C TYR A 140 9.42 -6.79 1.97
N PRO A 141 9.53 -6.23 3.16
CA PRO A 141 10.72 -5.44 3.48
C PRO A 141 11.92 -6.37 3.71
N GLN A 142 13.12 -5.81 3.81
CA GLN A 142 14.35 -6.61 3.69
C GLN A 142 15.27 -6.54 4.90
N LEU A 143 15.20 -5.44 5.65
CA LEU A 143 16.10 -5.20 6.78
C LEU A 143 15.48 -5.51 8.12
N ASN A 144 15.56 -6.77 8.53
CA ASN A 144 15.01 -7.21 9.82
C ASN A 144 15.87 -6.72 10.97
N ALA A 145 15.31 -5.83 11.79
CA ALA A 145 16.04 -5.24 12.92
C ALA A 145 16.22 -6.22 14.08
N ALA A 146 15.69 -7.43 13.90
CA ALA A 146 15.99 -8.54 14.81
C ALA A 146 17.22 -9.33 14.34
N TRP A 147 17.71 -9.03 13.13
CA TRP A 147 19.01 -9.55 12.68
C TRP A 147 20.05 -8.52 12.97
N GLY A 148 20.70 -8.03 11.91
CA GLY A 148 21.70 -6.98 12.04
C GLY A 148 23.02 -7.48 12.56
N ASN A 149 24.11 -6.74 12.34
CA ASN A 149 24.07 -5.49 11.57
C ASN A 149 24.32 -5.72 10.08
N ALA A 150 24.13 -6.96 9.64
CA ALA A 150 24.12 -7.30 8.22
C ALA A 150 22.89 -6.72 7.55
N ALA A 151 21.87 -6.42 8.37
CA ALA A 151 20.66 -5.75 7.93
C ALA A 151 20.63 -4.33 8.48
N GLY A 152 21.65 -3.55 8.12
CA GLY A 152 21.82 -2.19 8.61
C GLY A 152 21.29 -1.13 7.67
N GLY A 153 21.24 -1.46 6.37
CA GLY A 153 20.69 -0.57 5.36
C GLY A 153 21.65 0.49 4.89
N PRO A 154 21.12 1.62 4.36
CA PRO A 154 19.68 1.88 4.16
C PRO A 154 19.10 1.23 2.91
N VAL A 155 17.89 0.69 3.03
CA VAL A 155 17.12 0.16 1.90
C VAL A 155 15.71 0.77 1.92
N PHE A 156 15.20 1.12 0.73
CA PHE A 156 13.87 1.69 0.58
C PHE A 156 12.87 0.59 0.26
N SER A 157 11.77 0.54 1.01
CA SER A 157 10.68 -0.41 0.78
C SER A 157 9.34 0.31 0.88
N PHE A 158 8.33 -0.19 0.17
CA PHE A 158 6.99 0.44 0.23
C PHE A 158 6.28 0.20 1.57
N SER A 159 6.58 -0.93 2.20
CA SER A 159 5.84 -1.33 3.39
C SER A 159 6.70 -1.98 4.47
N LYS A 160 6.38 -1.68 5.72
CA LYS A 160 7.13 -2.23 6.85
C LYS A 160 6.29 -2.30 8.13
N THR A 161 6.87 -2.96 9.13
CA THR A 161 6.42 -2.89 10.51
C THR A 161 7.61 -2.41 11.33
N LYS A 162 7.48 -2.41 12.66
CA LYS A 162 8.57 -2.00 13.57
C LYS A 162 9.75 -2.97 13.51
N GLU A 163 9.48 -4.20 13.07
CA GLU A 163 10.51 -5.21 12.90
C GLU A 163 11.58 -4.83 11.87
N TYR A 164 11.30 -3.84 11.03
CA TYR A 164 12.14 -3.56 9.87
C TYR A 164 12.74 -2.16 9.83
N ARG A 165 13.96 -2.07 9.31
CA ARG A 165 14.71 -0.83 9.24
C ARG A 165 14.46 -0.11 7.92
N ASP A 166 13.81 -0.79 6.97
CA ASP A 166 13.57 -0.24 5.63
C ASP A 166 12.96 1.17 5.71
N ILE A 167 13.32 2.03 4.76
CA ILE A 167 12.74 3.36 4.68
C ILE A 167 11.55 3.29 3.72
N MET A 168 10.39 3.76 4.16
CA MET A 168 9.21 3.70 3.31
C MET A 168 9.26 4.77 2.25
N TYR A 169 8.82 4.39 1.06
CA TYR A 169 8.63 5.35 0.00
C TYR A 169 7.23 5.15 -0.56
N PRO A 170 6.69 6.17 -1.26
CA PRO A 170 5.37 6.00 -1.85
C PRO A 170 5.40 4.92 -2.93
N ALA A 171 4.51 3.95 -2.83
CA ALA A 171 4.56 2.77 -3.69
C ALA A 171 4.46 3.14 -5.14
N TRP A 172 5.07 2.31 -5.99
CA TRP A 172 5.04 2.45 -7.44
C TRP A 172 3.66 2.65 -8.03
N THR A 173 2.70 1.95 -7.44
CA THR A 173 1.35 1.84 -7.95
C THR A 173 0.61 3.19 -7.98
N PHE A 174 1.13 4.20 -7.29
CA PHE A 174 0.50 5.52 -7.38
C PHE A 174 0.55 6.02 -8.83
N TRP A 175 1.50 5.48 -9.60
CA TRP A 175 1.55 5.72 -11.01
C TRP A 175 1.29 4.47 -11.82
N ALA A 176 2.00 3.38 -11.51
CA ALA A 176 1.94 2.18 -12.36
C ALA A 176 2.46 0.93 -11.64
N GLY A 177 2.12 -0.22 -12.20
CA GLY A 177 2.74 -1.49 -11.81
C GLY A 177 2.16 -2.19 -10.60
N GLY A 178 0.97 -1.79 -10.16
CA GLY A 178 0.29 -2.51 -9.09
C GLY A 178 -0.16 -3.85 -9.64
N PRO A 179 -0.80 -4.68 -8.79
CA PRO A 179 -1.27 -5.99 -9.24
C PRO A 179 -2.05 -5.97 -10.55
N ALA A 180 -1.77 -6.91 -11.43
CA ALA A 180 -2.54 -7.00 -12.68
C ALA A 180 -3.75 -7.87 -12.44
N THR A 181 -4.91 -7.38 -12.86
CA THR A 181 -6.15 -8.10 -12.69
C THR A 181 -6.86 -8.06 -14.02
N LYS A 182 -7.96 -8.81 -14.14
CA LYS A 182 -8.80 -8.77 -15.34
C LYS A 182 -9.31 -7.38 -15.66
N LEU A 183 -9.70 -6.61 -14.63
CA LEU A 183 -10.18 -5.26 -14.86
C LEU A 183 -9.06 -4.24 -15.06
N HIS A 184 -7.86 -4.57 -14.60
CA HIS A 184 -6.69 -3.71 -14.78
C HIS A 184 -5.50 -4.49 -15.30
N PRO A 185 -5.54 -4.92 -16.59
CA PRO A 185 -4.50 -5.82 -17.10
C PRO A 185 -3.10 -5.22 -17.14
N ARG A 186 -2.97 -3.89 -17.21
CA ARG A 186 -1.64 -3.27 -17.16
C ARG A 186 -1.12 -2.99 -15.74
N GLY A 187 -1.82 -3.47 -14.73
CA GLY A 187 -1.43 -3.19 -13.36
C GLY A 187 -2.22 -2.01 -12.83
N ILE A 188 -2.75 -2.15 -11.63
CA ILE A 188 -3.37 -1.05 -10.92
C ILE A 188 -2.39 0.13 -10.74
N GLY A 189 -2.75 1.28 -11.31
CA GLY A 189 -1.92 2.47 -11.23
C GLY A 189 -2.78 3.71 -11.36
N ARG A 190 -2.16 4.78 -11.83
CA ARG A 190 -2.84 6.04 -12.12
C ARG A 190 -3.79 6.45 -11.01
N TRP A 191 -3.23 6.64 -9.81
CA TRP A 191 -4.00 7.10 -8.67
C TRP A 191 -4.65 8.47 -8.90
N ASP A 192 -4.02 9.33 -9.71
CA ASP A 192 -4.63 10.59 -10.15
C ASP A 192 -6.00 10.35 -10.80
N GLN A 193 -6.05 9.43 -11.75
CA GLN A 193 -7.29 9.09 -12.44
C GLN A 193 -8.28 8.38 -11.51
N MET A 194 -7.78 7.42 -10.71
CA MET A 194 -8.61 6.71 -9.74
C MET A 194 -9.30 7.66 -8.76
N ARG A 195 -8.60 8.67 -8.27
CA ARG A 195 -9.21 9.61 -7.33
C ARG A 195 -10.48 10.23 -7.95
N GLU A 196 -10.38 10.73 -9.18
CA GLU A 196 -11.49 11.36 -9.90
C GLU A 196 -12.63 10.39 -10.17
N LYS A 197 -12.30 9.16 -10.53
CA LYS A 197 -13.29 8.15 -10.79
C LYS A 197 -14.08 7.77 -9.51
N LEU A 198 -13.37 7.65 -8.38
CA LEU A 198 -14.02 7.29 -7.13
C LEU A 198 -14.77 8.48 -6.50
N GLU A 199 -14.22 9.69 -6.67
CA GLU A 199 -14.90 10.93 -6.27
C GLU A 199 -16.28 11.00 -6.94
N LYS A 200 -16.33 10.72 -8.24
CA LYS A 200 -17.59 10.75 -9.00
C LYS A 200 -18.55 9.68 -8.50
N ARG A 201 -18.01 8.50 -8.22
CA ARG A 201 -18.84 7.39 -7.79
C ARG A 201 -19.38 7.56 -6.36
N ALA A 202 -18.57 8.14 -5.47
CA ALA A 202 -19.00 8.41 -4.11
C ALA A 202 -20.14 9.44 -4.11
N ALA A 203 -20.00 10.49 -4.91
CA ALA A 203 -21.06 11.49 -5.09
C ALA A 203 -22.36 10.83 -5.57
N ALA A 204 -22.24 9.86 -6.47
CA ALA A 204 -23.38 9.15 -7.03
C ALA A 204 -24.10 8.17 -6.10
N ILE A 205 -23.38 7.58 -5.15
CA ILE A 205 -24.01 6.65 -4.19
C ILE A 205 -23.80 7.19 -2.78
N PRO A 206 -24.68 8.12 -2.35
CA PRO A 206 -24.58 8.74 -1.04
C PRO A 206 -24.90 7.75 0.07
N TRP A 207 -24.42 8.07 1.28
CA TRP A 207 -24.49 7.17 2.45
C TRP A 207 -25.76 6.35 2.55
N SER A 208 -26.91 7.00 2.58
CA SER A 208 -28.18 6.28 2.78
C SER A 208 -28.52 5.31 1.64
N GLN A 209 -27.83 5.43 0.51
CA GLN A 209 -28.10 4.56 -0.63
C GLN A 209 -27.29 3.27 -0.60
N LYS A 210 -26.16 3.30 0.12
CA LYS A 210 -25.22 2.16 0.15
C LYS A 210 -25.86 0.99 0.87
N ARG A 211 -25.55 -0.23 0.43
CA ARG A 211 -26.04 -1.43 1.11
C ARG A 211 -25.44 -1.56 2.53
N SER A 212 -26.29 -2.04 3.44
CA SER A 212 -25.95 -2.22 4.85
C SER A 212 -25.32 -3.60 5.11
N LEU A 213 -24.27 -3.91 4.35
CA LEU A 213 -23.54 -5.17 4.46
C LEU A 213 -22.03 -4.96 4.46
N GLY A 214 -21.31 -5.89 5.10
CA GLY A 214 -19.85 -5.85 5.09
C GLY A 214 -19.39 -6.38 3.74
N PHE A 215 -18.42 -5.72 3.12
CA PHE A 215 -17.95 -6.20 1.81
C PHE A 215 -16.43 -6.37 1.68
N PHE A 216 -16.04 -7.46 1.06
CA PHE A 216 -14.65 -7.71 0.69
C PHE A 216 -14.61 -8.61 -0.53
N ARG A 217 -13.77 -8.27 -1.50
CA ARG A 217 -13.46 -9.17 -2.61
C ARG A 217 -11.97 -9.08 -2.87
N GLY A 218 -11.26 -10.17 -2.67
CA GLY A 218 -9.80 -10.18 -2.80
C GLY A 218 -9.32 -11.61 -2.69
N SER A 219 -8.01 -11.81 -2.82
CA SER A 219 -7.45 -13.15 -2.87
C SER A 219 -6.82 -13.52 -1.55
N ARG A 220 -6.45 -14.79 -1.39
CA ARG A 220 -5.95 -15.27 -0.12
C ARG A 220 -4.45 -15.06 0.08
N THR A 221 -4.03 -13.80 0.09
CA THR A 221 -2.65 -13.39 0.34
C THR A 221 -2.29 -13.42 1.80
N SER A 222 -3.28 -13.61 2.66
CA SER A 222 -3.04 -13.76 4.09
C SER A 222 -4.21 -14.48 4.74
N ASP A 223 -3.91 -15.38 5.67
CA ASP A 223 -4.97 -16.12 6.35
C ASP A 223 -5.71 -15.25 7.40
N GLU A 224 -5.22 -14.04 7.64
CA GLU A 224 -5.98 -13.06 8.42
C GLU A 224 -7.35 -12.76 7.79
N ARG A 225 -7.44 -13.03 6.49
CA ARG A 225 -8.64 -12.78 5.72
C ARG A 225 -9.70 -13.88 5.87
N ASP A 226 -9.31 -15.05 6.39
CA ASP A 226 -10.20 -16.25 6.38
C ASP A 226 -11.52 -16.09 7.14
N SER A 227 -11.48 -15.61 8.38
CA SER A 227 -12.71 -15.58 9.19
C SER A 227 -13.84 -14.73 8.59
N LEU A 228 -13.51 -13.61 7.94
CA LEU A 228 -14.52 -12.81 7.24
C LEU A 228 -15.19 -13.58 6.11
N ILE A 229 -14.41 -14.34 5.34
CA ILE A 229 -14.93 -15.13 4.23
C ILE A 229 -15.83 -16.27 4.76
N LEU A 230 -15.38 -16.92 5.84
CA LEU A 230 -16.17 -18.00 6.45
C LEU A 230 -17.47 -17.48 7.10
N LEU A 231 -17.40 -16.33 7.77
CA LEU A 231 -18.61 -15.66 8.25
C LEU A 231 -19.58 -15.35 7.11
N SER A 232 -19.06 -14.78 6.02
CA SER A 232 -19.88 -14.48 4.85
C SER A 232 -20.66 -15.69 4.36
N ARG A 233 -20.00 -16.84 4.28
CA ARG A 233 -20.62 -18.09 3.84
C ARG A 233 -21.72 -18.57 4.80
N ARG A 234 -21.54 -18.28 6.10
CA ARG A 234 -22.49 -18.68 7.12
C ARG A 234 -23.64 -17.69 7.15
N ASN A 235 -23.35 -16.42 6.90
CA ASN A 235 -24.32 -15.36 7.03
C ASN A 235 -24.20 -14.27 5.93
N PRO A 236 -24.59 -14.62 4.69
CA PRO A 236 -24.46 -13.72 3.53
C PRO A 236 -25.27 -12.43 3.68
N GLU A 237 -26.20 -12.43 4.64
CA GLU A 237 -27.05 -11.29 4.84
C GLU A 237 -26.38 -10.23 5.70
N LEU A 238 -25.28 -10.62 6.35
CA LEU A 238 -24.48 -9.67 7.11
C LEU A 238 -23.20 -9.27 6.36
N VAL A 239 -22.58 -10.23 5.71
CA VAL A 239 -21.28 -10.02 5.04
C VAL A 239 -21.24 -10.65 3.66
N GLU A 240 -20.81 -9.87 2.68
CA GLU A 240 -20.53 -10.37 1.33
C GLU A 240 -19.01 -10.34 1.08
N ALA A 241 -18.36 -11.46 1.37
CA ALA A 241 -16.92 -11.59 1.26
C ALA A 241 -16.58 -12.94 0.64
N GLN A 242 -15.81 -12.91 -0.44
CA GLN A 242 -15.44 -14.10 -1.20
C GLN A 242 -14.01 -13.95 -1.70
N TYR A 243 -13.33 -15.10 -1.85
CA TYR A 243 -11.96 -15.16 -2.35
C TYR A 243 -11.86 -15.22 -3.88
N THR A 244 -11.12 -14.28 -4.46
CA THR A 244 -10.71 -14.39 -5.86
C THR A 244 -9.50 -15.30 -5.91
N LYS A 245 -9.05 -15.58 -7.13
CA LYS A 245 -7.86 -16.38 -7.43
C LYS A 245 -6.73 -15.40 -7.80
N ASN A 246 -5.52 -15.54 -7.24
CA ASN A 246 -4.38 -14.76 -7.74
C ASN A 246 -3.45 -15.60 -8.61
N GLN A 247 -2.38 -15.01 -9.15
CA GLN A 247 -1.48 -15.70 -10.07
C GLN A 247 -0.59 -16.71 -9.35
N GLY A 248 -0.59 -16.66 -8.02
CA GLY A 248 0.17 -17.63 -7.22
C GLY A 248 -0.67 -18.83 -6.80
N TRP A 249 -1.88 -18.95 -7.35
CA TRP A 249 -2.79 -20.07 -7.02
C TRP A 249 -2.11 -21.41 -7.14
N LYS A 250 -2.38 -22.31 -6.20
CA LYS A 250 -1.84 -23.68 -6.22
C LYS A 250 -2.93 -24.75 -6.05
N SER A 251 -3.60 -24.75 -4.91
CA SER A 251 -4.69 -25.72 -4.66
C SER A 251 -6.01 -25.00 -4.37
N PRO A 252 -7.14 -25.74 -4.37
CA PRO A 252 -8.41 -25.09 -3.96
C PRO A 252 -8.43 -24.58 -2.50
N LYS A 253 -7.42 -24.96 -1.71
CA LYS A 253 -7.21 -24.39 -0.39
C LYS A 253 -7.06 -22.84 -0.43
N ASP A 254 -6.49 -22.35 -1.54
CA ASP A 254 -6.27 -20.93 -1.76
C ASP A 254 -7.56 -20.11 -1.89
N THR A 255 -8.68 -20.78 -2.11
CA THR A 255 -10.00 -20.13 -1.99
C THR A 255 -10.82 -20.81 -0.89
N LEU A 256 -10.15 -21.52 0.02
CA LEU A 256 -10.83 -22.34 1.03
C LEU A 256 -11.95 -23.21 0.40
N ASP A 257 -11.60 -23.92 -0.68
CA ASP A 257 -12.45 -24.91 -1.36
C ASP A 257 -13.75 -24.41 -1.98
N ALA A 258 -13.83 -23.11 -2.27
CA ALA A 258 -14.97 -22.58 -3.03
C ALA A 258 -14.53 -22.21 -4.45
N PRO A 259 -15.47 -22.19 -5.42
CA PRO A 259 -15.04 -21.69 -6.73
C PRO A 259 -14.52 -20.25 -6.62
N ALA A 260 -13.41 -19.95 -7.29
CA ALA A 260 -12.87 -18.59 -7.33
C ALA A 260 -13.96 -17.59 -7.74
N ALA A 261 -14.15 -16.53 -6.96
CA ALA A 261 -15.10 -15.48 -7.35
C ALA A 261 -14.50 -14.52 -8.39
N ASP A 262 -15.38 -13.79 -9.07
CA ASP A 262 -15.02 -12.74 -10.00
C ASP A 262 -14.47 -11.50 -9.28
N GLU A 263 -13.68 -10.73 -10.01
CA GLU A 263 -13.18 -9.44 -9.56
C GLU A 263 -14.36 -8.48 -9.46
N VAL A 264 -14.30 -7.55 -8.52
CA VAL A 264 -15.29 -6.49 -8.44
C VAL A 264 -14.49 -5.20 -8.52
N SER A 265 -14.95 -4.27 -9.37
CA SER A 265 -14.27 -3.00 -9.57
C SER A 265 -14.23 -2.17 -8.30
N PHE A 266 -13.23 -1.30 -8.21
CA PHE A 266 -13.14 -0.36 -7.10
C PHE A 266 -14.43 0.45 -6.96
N GLU A 267 -14.98 0.92 -8.07
CA GLU A 267 -16.13 1.80 -7.99
C GLU A 267 -17.38 1.05 -7.53
N ASP A 268 -17.45 -0.24 -7.83
CA ASP A 268 -18.52 -1.09 -7.31
C ASP A 268 -18.42 -1.43 -5.80
N HIS A 269 -17.27 -1.16 -5.18
CA HIS A 269 -17.14 -1.29 -3.72
C HIS A 269 -17.99 -0.23 -3.06
N CYS A 270 -18.21 0.86 -3.78
CA CYS A 270 -18.85 2.03 -3.18
C CYS A 270 -20.33 1.85 -2.88
N LYS A 271 -20.92 0.78 -3.40
CA LYS A 271 -22.30 0.49 -3.04
C LYS A 271 -22.48 -0.34 -1.75
N TYR A 272 -21.42 -0.39 -0.92
CA TYR A 272 -21.49 -1.02 0.41
C TYR A 272 -21.02 -0.04 1.45
N LYS A 273 -21.71 -0.02 2.60
CA LYS A 273 -21.43 0.91 3.69
C LYS A 273 -20.14 0.55 4.43
N TYR A 274 -19.90 -0.75 4.53
CA TYR A 274 -18.88 -1.31 5.44
C TYR A 274 -17.84 -2.07 4.62
N LEU A 275 -16.69 -1.44 4.41
CA LEU A 275 -15.65 -2.02 3.53
C LEU A 275 -14.48 -2.53 4.37
N PHE A 276 -14.13 -3.80 4.19
CA PHE A 276 -12.99 -4.41 4.89
C PHE A 276 -11.65 -4.37 4.16
N ASN A 277 -10.59 -4.02 4.90
CA ASN A 277 -9.22 -4.06 4.41
C ASN A 277 -8.37 -4.95 5.29
N PHE A 278 -7.50 -5.74 4.64
CA PHE A 278 -6.57 -6.64 5.34
C PHE A 278 -5.15 -6.51 4.81
N ARG A 279 -4.16 -6.77 5.64
CA ARG A 279 -2.80 -6.95 5.06
C ARG A 279 -2.82 -8.14 4.08
N GLY A 280 -1.86 -8.15 3.16
CA GLY A 280 -1.65 -9.29 2.28
C GLY A 280 -0.29 -9.86 2.61
N VAL A 281 0.61 -9.87 1.64
CA VAL A 281 2.01 -10.22 1.90
C VAL A 281 2.58 -9.18 2.84
N ALA A 282 2.37 -7.90 2.49
CA ALA A 282 2.64 -6.79 3.40
C ALA A 282 1.36 -5.92 3.32
N ALA A 283 1.46 -4.60 3.52
CA ALA A 283 0.28 -3.73 3.34
C ALA A 283 -0.40 -3.97 1.99
N SER A 284 -1.70 -3.67 1.91
CA SER A 284 -2.46 -3.78 0.67
C SER A 284 -2.81 -2.41 0.07
N PHE A 285 -2.71 -2.33 -1.26
CA PHE A 285 -3.08 -1.16 -2.04
C PHE A 285 -4.59 -0.91 -2.06
N ARG A 286 -5.34 -1.89 -1.58
CA ARG A 286 -6.78 -1.77 -1.48
C ARG A 286 -7.17 -0.60 -0.59
N LEU A 287 -6.54 -0.48 0.58
CA LEU A 287 -6.97 0.43 1.65
C LEU A 287 -7.39 1.84 1.17
N LYS A 288 -6.44 2.56 0.54
CA LYS A 288 -6.66 3.92 0.09
C LYS A 288 -7.90 4.07 -0.77
N HIS A 289 -8.23 3.03 -1.53
CA HIS A 289 -9.32 3.08 -2.49
C HIS A 289 -10.67 3.06 -1.79
N LEU A 290 -10.71 2.39 -0.64
CA LEU A 290 -11.94 2.17 0.10
C LEU A 290 -12.49 3.49 0.67
N PHE A 291 -11.60 4.35 1.15
CA PHE A 291 -11.95 5.65 1.70
C PHE A 291 -12.64 6.58 0.68
N LEU A 292 -12.26 6.45 -0.59
CA LEU A 292 -12.77 7.35 -1.61
C LEU A 292 -14.16 6.92 -2.11
N CYS A 293 -14.66 5.85 -1.53
CA CYS A 293 -16.05 5.43 -1.70
C CYS A 293 -17.02 6.16 -0.74
N LYS A 294 -16.48 6.91 0.21
CA LYS A 294 -17.26 7.46 1.33
C LYS A 294 -18.00 6.37 2.12
N SER A 295 -17.46 5.15 2.10
CA SER A 295 -17.97 4.08 2.95
C SER A 295 -17.15 3.99 4.24
N LEU A 296 -17.67 3.28 5.24
CA LEU A 296 -16.94 3.12 6.48
C LEU A 296 -15.91 2.00 6.29
N VAL A 297 -14.66 2.31 6.59
CA VAL A 297 -13.56 1.36 6.37
C VAL A 297 -13.23 0.66 7.69
N PHE A 298 -13.22 -0.67 7.66
CA PHE A 298 -12.74 -1.48 8.77
C PHE A 298 -11.35 -2.02 8.39
N HIS A 299 -10.33 -1.46 9.04
CA HIS A 299 -8.93 -1.79 8.78
C HIS A 299 -8.45 -2.80 9.81
N VAL A 300 -8.10 -3.99 9.33
CA VAL A 300 -7.72 -5.10 10.21
C VAL A 300 -6.19 -5.16 10.40
N GLY A 301 -5.78 -5.15 11.67
CA GLY A 301 -4.37 -5.24 12.06
C GLY A 301 -3.78 -3.85 12.11
N ASP A 302 -2.70 -3.69 12.88
CA ASP A 302 -2.05 -2.39 13.02
C ASP A 302 -0.55 -2.42 12.74
N GLU A 303 -0.05 -3.52 12.20
CA GLU A 303 1.40 -3.68 12.01
C GLU A 303 1.90 -3.15 10.65
N TRP A 304 1.31 -3.65 9.56
CA TRP A 304 1.80 -3.36 8.22
C TRP A 304 1.44 -1.97 7.75
N GLN A 305 2.46 -1.21 7.35
CA GLN A 305 2.30 0.22 7.06
C GLN A 305 2.64 0.55 5.62
N GLU A 306 2.02 1.60 5.11
CA GLU A 306 2.59 2.41 4.06
C GLU A 306 2.91 3.78 4.68
N PHE A 307 3.62 4.64 3.94
CA PHE A 307 4.11 5.90 4.48
C PHE A 307 3.00 6.77 5.05
N PHE A 308 1.79 6.63 4.51
CA PHE A 308 0.67 7.50 4.87
C PHE A 308 -0.25 6.97 5.96
N TYR A 309 0.01 5.77 6.48
CA TYR A 309 -0.90 5.17 7.48
C TYR A 309 -0.78 5.83 8.85
N ASP A 310 0.40 6.32 9.18
CA ASP A 310 0.64 6.94 10.49
C ASP A 310 -0.39 8.05 10.76
N GLN A 311 -0.71 8.82 9.73
CA GLN A 311 -1.68 9.91 9.88
C GLN A 311 -3.14 9.48 9.75
N LEU A 312 -3.41 8.23 9.37
CA LEU A 312 -4.78 7.73 9.41
C LEU A 312 -4.99 7.27 10.84
N LYS A 313 -5.99 7.82 11.51
CA LYS A 313 -6.15 7.58 12.96
C LYS A 313 -7.35 6.70 13.26
N PRO A 314 -7.17 5.66 14.04
CA PRO A 314 -8.27 4.78 14.38
C PRO A 314 -9.37 5.52 15.09
N TRP A 315 -10.59 5.22 14.72
CA TRP A 315 -11.74 5.83 15.29
C TRP A 315 -12.00 7.24 14.73
N VAL A 316 -10.97 7.93 14.26
CA VAL A 316 -11.15 9.24 13.63
C VAL A 316 -11.48 9.00 12.15
N HIS A 317 -10.63 8.26 11.43
CA HIS A 317 -10.83 8.00 9.98
C HIS A 317 -11.34 6.64 9.61
N TYR A 318 -11.27 5.67 10.53
CA TYR A 318 -11.69 4.30 10.21
C TYR A 318 -11.93 3.51 11.48
N VAL A 319 -12.52 2.34 11.31
CA VAL A 319 -12.72 1.41 12.41
C VAL A 319 -11.56 0.41 12.47
N PRO A 320 -10.75 0.45 13.54
CA PRO A 320 -9.65 -0.50 13.69
C PRO A 320 -10.16 -1.83 14.20
N LEU A 321 -9.63 -2.93 13.67
CA LEU A 321 -9.83 -4.27 14.24
C LEU A 321 -8.49 -4.93 14.41
N LYS A 322 -8.30 -5.61 15.54
CA LYS A 322 -7.09 -6.38 15.79
C LYS A 322 -6.93 -7.51 14.78
N SER A 323 -5.68 -7.94 14.55
CA SER A 323 -5.37 -9.08 13.68
C SER A 323 -6.12 -10.32 14.10
N TYR A 324 -6.49 -11.14 13.11
CA TYR A 324 -7.25 -12.36 13.33
C TYR A 324 -8.56 -12.11 14.11
N PRO A 325 -9.45 -11.26 13.56
CA PRO A 325 -10.77 -11.05 14.17
C PRO A 325 -11.56 -12.32 14.14
N SER A 326 -12.32 -12.55 15.19
CA SER A 326 -13.26 -13.64 15.25
C SER A 326 -14.56 -13.26 14.53
N GLN A 327 -15.34 -14.27 14.18
CA GLN A 327 -16.63 -14.06 13.58
C GLN A 327 -17.57 -13.32 14.55
N GLN A 328 -17.42 -13.63 15.83
CA GLN A 328 -18.16 -12.91 16.86
C GLN A 328 -17.78 -11.43 16.95
N GLU A 329 -16.48 -11.12 16.80
CA GLU A 329 -16.07 -9.71 16.76
C GLU A 329 -16.72 -8.97 15.58
N TYR A 330 -16.71 -9.62 14.40
CA TYR A 330 -17.30 -9.03 13.18
C TYR A 330 -18.78 -8.74 13.39
N GLU A 331 -19.51 -9.74 13.91
CA GLU A 331 -20.93 -9.60 14.26
C GLU A 331 -21.20 -8.44 15.21
N HIS A 332 -20.41 -8.31 16.27
CA HIS A 332 -20.58 -7.21 17.22
C HIS A 332 -20.31 -5.86 16.65
N ILE A 333 -19.28 -5.75 15.80
CA ILE A 333 -18.87 -4.42 15.38
C ILE A 333 -19.83 -3.93 14.27
N LEU A 334 -20.28 -4.84 13.42
CA LEU A 334 -21.17 -4.48 12.33
C LEU A 334 -22.53 -4.12 12.93
N SER A 335 -23.00 -4.95 13.87
CA SER A 335 -24.24 -4.70 14.62
C SER A 335 -24.23 -3.33 15.27
N PHE A 336 -23.12 -2.96 15.90
CA PHE A 336 -22.98 -1.64 16.49
C PHE A 336 -23.12 -0.50 15.48
N PHE A 337 -22.39 -0.56 14.38
CA PHE A 337 -22.41 0.58 13.46
C PHE A 337 -23.71 0.69 12.68
N LYS A 338 -24.33 -0.45 12.41
CA LYS A 338 -25.65 -0.54 11.82
C LYS A 338 -26.74 0.14 12.67
N LYS A 339 -26.54 0.17 13.98
CA LYS A 339 -27.47 0.77 14.93
C LYS A 339 -26.95 2.13 15.35
N ASN A 340 -25.80 2.53 14.81
CA ASN A 340 -25.26 3.86 15.11
C ASN A 340 -24.75 4.62 13.87
N ASP A 341 -25.63 4.61 12.86
CA ASP A 341 -25.48 5.21 11.53
C ASP A 341 -24.83 6.59 11.41
N ALA A 342 -25.28 7.57 12.21
CA ALA A 342 -24.71 8.91 12.11
C ALA A 342 -23.24 8.89 12.45
N LEU A 343 -22.91 8.08 13.46
CA LEU A 343 -21.54 7.91 13.92
C LEU A 343 -20.69 7.26 12.80
N ALA A 344 -21.31 6.28 12.14
CA ALA A 344 -20.71 5.56 11.03
C ALA A 344 -20.37 6.50 9.87
N GLN A 345 -21.35 7.32 9.48
CA GLN A 345 -21.20 8.25 8.38
C GLN A 345 -20.18 9.33 8.72
N GLU A 346 -20.19 9.82 9.96
CA GLU A 346 -19.16 10.76 10.42
C GLU A 346 -17.72 10.26 10.23
N ILE A 347 -17.45 9.01 10.63
CA ILE A 347 -16.09 8.43 10.52
C ILE A 347 -15.74 8.27 9.04
N ALA A 348 -16.67 7.68 8.29
CA ALA A 348 -16.53 7.49 6.85
C ALA A 348 -16.17 8.82 6.16
N GLN A 349 -16.87 9.89 6.55
CA GLN A 349 -16.70 11.18 5.94
C GLN A 349 -15.32 11.74 6.25
N ARG A 350 -14.87 11.56 7.49
CA ARG A 350 -13.54 12.02 7.86
C ARG A 350 -12.42 11.28 7.11
N GLY A 351 -12.58 9.96 6.97
CA GLY A 351 -11.60 9.12 6.24
C GLY A 351 -11.52 9.56 4.79
N TYR A 352 -12.68 9.72 4.16
CA TYR A 352 -12.78 10.25 2.80
C TYR A 352 -12.01 11.54 2.65
N ASP A 353 -12.28 12.47 3.55
CA ASP A 353 -11.70 13.81 3.53
C ASP A 353 -10.21 13.74 3.71
N PHE A 354 -9.77 12.87 4.60
CA PHE A 354 -8.34 12.73 4.82
C PHE A 354 -7.59 12.29 3.55
N ILE A 355 -8.11 11.25 2.89
CA ILE A 355 -7.46 10.71 1.68
C ILE A 355 -7.58 11.72 0.54
N TRP A 356 -8.76 12.32 0.42
CA TRP A 356 -8.99 13.41 -0.56
C TRP A 356 -8.01 14.55 -0.42
N GLU A 357 -7.79 14.99 0.81
CA GLU A 357 -6.96 16.16 1.07
C GLU A 357 -5.47 15.87 1.30
N HIS A 358 -5.15 14.69 1.82
CA HIS A 358 -3.76 14.40 2.19
C HIS A 358 -3.11 13.20 1.51
N LEU A 359 -3.81 12.62 0.54
CA LEU A 359 -3.22 11.64 -0.38
C LEU A 359 -3.46 12.05 -1.84
N ARG A 360 -3.24 13.33 -2.12
CA ARG A 360 -3.28 13.84 -3.50
C ARG A 360 -2.00 13.38 -4.22
N MET A 361 -1.98 13.43 -5.55
CA MET A 361 -0.71 13.27 -6.27
C MET A 361 0.38 14.19 -5.73
N LYS A 362 0.03 15.43 -5.40
CA LYS A 362 1.00 16.41 -4.88
C LYS A 362 1.63 15.97 -3.55
N ASP A 363 0.84 15.32 -2.72
CA ASP A 363 1.36 14.77 -1.46
C ASP A 363 2.37 13.64 -1.70
N ILE A 364 2.13 12.86 -2.76
CA ILE A 364 3.00 11.76 -3.15
C ILE A 364 4.29 12.33 -3.67
N LYS A 365 4.17 13.24 -4.63
CA LYS A 365 5.32 13.90 -5.25
C LYS A 365 6.17 14.65 -4.23
N CYS A 366 5.54 15.40 -3.33
CA CYS A 366 6.31 16.16 -2.34
C CYS A 366 6.92 15.26 -1.27
N TYR A 367 6.24 14.17 -0.91
CA TYR A 367 6.85 13.24 0.06
C TYR A 367 8.15 12.70 -0.50
N TRP A 368 8.11 12.22 -1.74
CA TRP A 368 9.29 11.73 -2.45
C TRP A 368 10.42 12.73 -2.40
N ARG A 369 10.14 13.96 -2.83
CA ARG A 369 11.13 15.05 -2.85
C ARG A 369 11.75 15.26 -1.48
N LYS A 370 10.90 15.42 -0.47
CA LYS A 370 11.36 15.69 0.90
C LYS A 370 12.20 14.55 1.48
N LEU A 371 11.85 13.31 1.14
CA LEU A 371 12.54 12.13 1.65
C LEU A 371 13.94 12.06 1.06
N LEU A 372 14.04 12.26 -0.25
CA LEU A 372 15.32 12.21 -0.91
C LEU A 372 16.26 13.33 -0.46
N LYS A 373 15.74 14.55 -0.31
CA LYS A 373 16.53 15.69 0.19
C LYS A 373 17.11 15.45 1.59
N ARG A 374 16.31 14.89 2.49
CA ARG A 374 16.76 14.65 3.85
C ARG A 374 17.73 13.48 3.92
N TYR A 375 17.56 12.53 3.01
CA TYR A 375 18.41 11.34 2.95
C TYR A 375 19.81 11.64 2.43
N VAL A 376 19.91 12.44 1.37
CA VAL A 376 21.21 12.71 0.75
C VAL A 376 22.19 13.33 1.75
N LYS A 377 21.65 14.12 2.68
CA LYS A 377 22.41 14.72 3.77
C LYS A 377 23.11 13.70 4.68
N LEU A 378 22.72 12.43 4.58
CA LEU A 378 23.24 11.39 5.48
C LEU A 378 24.44 10.66 4.90
N LEU A 379 24.74 10.93 3.63
CA LEU A 379 25.80 10.22 2.94
C LEU A 379 27.18 10.75 3.34
N GLN A 380 28.05 9.86 3.79
CA GLN A 380 29.41 10.23 4.20
C GLN A 380 30.43 9.67 3.21
N TYR A 381 30.24 10.00 1.93
CA TYR A 381 31.11 9.53 0.84
C TYR A 381 30.75 10.25 -0.45
N GLU A 382 31.62 10.15 -1.46
CA GLU A 382 31.35 10.80 -2.73
C GLU A 382 30.75 9.83 -3.75
N VAL A 383 29.64 10.24 -4.35
CA VAL A 383 28.95 9.44 -5.35
C VAL A 383 29.73 9.52 -6.67
N LYS A 384 30.15 8.37 -7.16
CA LYS A 384 30.93 8.28 -8.39
C LYS A 384 30.23 7.37 -9.38
N PRO A 385 30.38 7.64 -10.69
CA PRO A 385 29.66 6.85 -11.70
C PRO A 385 29.99 5.36 -11.64
N GLU A 386 29.13 4.56 -12.25
CA GLU A 386 29.32 3.12 -12.35
C GLU A 386 28.91 2.70 -13.75
N ASP A 387 29.87 2.20 -14.52
CA ASP A 387 29.68 1.96 -15.95
C ASP A 387 28.65 0.88 -16.27
N GLN A 388 28.48 -0.08 -15.36
CA GLN A 388 27.56 -1.20 -15.58
C GLN A 388 26.09 -0.79 -15.51
N LEU A 389 25.81 0.36 -14.86
CA LEU A 389 24.45 0.90 -14.76
C LEU A 389 23.94 1.44 -16.09
N ILE A 390 22.66 1.24 -16.37
CA ILE A 390 22.04 1.81 -17.58
C ILE A 390 21.43 3.18 -17.30
N TYR A 391 21.45 4.05 -18.29
CA TYR A 391 20.88 5.38 -18.17
C TYR A 391 19.35 5.30 -18.31
N ILE A 392 18.63 5.89 -17.37
CA ILE A 392 17.17 5.88 -17.35
C ILE A 392 16.61 7.18 -17.92
N GLY A 393 17.04 8.31 -17.37
CA GLY A 393 16.62 9.62 -17.89
C GLY A 393 17.14 10.80 -17.07
N PRO A 394 16.56 12.00 -17.29
CA PRO A 394 15.52 12.29 -18.28
C PRO A 394 16.09 12.72 -19.63
N GLY B 6 8.88 -19.55 -3.06
CA GLY B 6 8.58 -18.10 -2.89
C GLY B 6 7.13 -17.74 -3.15
N ASP B 7 6.76 -16.50 -2.82
CA ASP B 7 5.37 -16.07 -2.96
C ASP B 7 5.22 -14.80 -3.82
N GLN B 8 6.15 -14.62 -4.77
CA GLN B 8 6.17 -13.42 -5.60
C GLN B 8 4.95 -13.30 -6.52
N CYS B 9 4.41 -14.44 -6.94
CA CYS B 9 3.30 -14.46 -7.91
C CYS B 9 1.98 -13.99 -7.30
N GLU B 10 1.91 -14.00 -5.98
CA GLU B 10 0.66 -13.64 -5.27
C GLU B 10 0.13 -12.23 -5.56
N SER B 11 1.06 -11.31 -5.79
CA SER B 11 0.72 -9.92 -6.14
C SER B 11 0.53 -9.72 -7.64
N ASN B 12 0.31 -10.81 -8.38
CA ASN B 12 0.05 -10.71 -9.80
C ASN B 12 1.05 -9.82 -10.58
N PRO B 13 2.34 -10.21 -10.60
CA PRO B 13 3.34 -9.41 -11.29
C PRO B 13 3.31 -9.50 -12.82
N CYS B 14 2.50 -10.39 -13.38
CA CYS B 14 2.48 -10.61 -14.83
C CYS B 14 1.33 -9.88 -15.48
N LEU B 15 1.67 -8.90 -16.31
CA LEU B 15 0.67 -8.04 -16.94
C LEU B 15 -0.01 -8.69 -18.13
N ASN B 16 -1.08 -8.05 -18.59
CA ASN B 16 -1.67 -8.30 -19.89
C ASN B 16 -2.10 -9.75 -20.13
N GLY B 17 -2.52 -10.45 -19.08
CA GLY B 17 -3.05 -11.81 -19.20
C GLY B 17 -1.99 -12.86 -18.97
N GLY B 18 -0.79 -12.43 -18.63
CA GLY B 18 0.30 -13.35 -18.39
C GLY B 18 0.05 -14.22 -17.17
N SER B 19 0.78 -15.33 -17.06
CA SER B 19 0.66 -16.20 -15.92
C SER B 19 2.02 -16.37 -15.28
N CYS B 20 2.03 -16.77 -14.02
CA CYS B 20 3.23 -16.63 -13.20
C CYS B 20 3.58 -17.97 -12.60
N LYS B 21 4.88 -18.18 -12.41
CA LYS B 21 5.38 -19.35 -11.69
C LYS B 21 6.41 -18.88 -10.66
N ASP B 22 6.24 -19.31 -9.42
CA ASP B 22 7.16 -18.98 -8.35
C ASP B 22 8.32 -19.93 -8.37
N ASP B 23 9.53 -19.39 -8.38
CA ASP B 23 10.73 -20.18 -8.10
C ASP B 23 10.97 -20.13 -6.58
N ILE B 24 12.11 -20.63 -6.15
CA ILE B 24 12.54 -20.43 -4.76
C ILE B 24 13.15 -19.03 -4.66
N ASN B 25 13.92 -18.63 -5.68
CA ASN B 25 14.56 -17.33 -5.74
C ASN B 25 13.60 -16.19 -6.12
N SER B 26 13.13 -16.23 -7.37
CA SER B 26 12.39 -15.14 -7.96
C SER B 26 11.04 -15.67 -8.46
N TYR B 27 10.67 -15.33 -9.69
CA TYR B 27 9.42 -15.76 -10.29
C TYR B 27 9.64 -15.66 -11.78
N GLU B 28 8.71 -16.21 -12.55
CA GLU B 28 8.81 -16.08 -14.00
C GLU B 28 7.43 -15.92 -14.60
N CYS B 29 7.32 -15.01 -15.57
CA CYS B 29 6.07 -14.82 -16.29
C CYS B 29 6.06 -15.60 -17.58
N TRP B 30 4.89 -16.15 -17.90
CA TRP B 30 4.55 -16.67 -19.19
C TRP B 30 3.68 -15.63 -19.82
N CYS B 31 4.06 -15.10 -20.98
CA CYS B 31 3.31 -14.01 -21.62
C CYS B 31 2.55 -14.48 -22.83
N PRO B 32 1.30 -14.02 -23.01
CA PRO B 32 0.58 -14.46 -24.20
C PRO B 32 1.17 -13.80 -25.44
N PHE B 33 1.03 -14.46 -26.58
CA PHE B 33 1.51 -13.96 -27.86
C PHE B 33 1.01 -12.52 -28.04
N GLY B 34 1.93 -11.58 -28.28
CA GLY B 34 1.59 -10.16 -28.40
C GLY B 34 2.27 -9.29 -27.33
N PHE B 35 2.74 -9.92 -26.26
CA PHE B 35 3.34 -9.21 -25.13
C PHE B 35 4.65 -9.90 -24.74
N GLU B 36 5.58 -9.12 -24.20
CA GLU B 36 6.97 -9.52 -24.00
C GLU B 36 7.49 -8.81 -22.76
N GLY B 37 8.73 -9.11 -22.38
CA GLY B 37 9.31 -8.58 -21.17
C GLY B 37 9.11 -9.49 -19.97
N LYS B 38 9.94 -9.27 -18.97
CA LYS B 38 9.86 -9.96 -17.68
C LYS B 38 8.46 -10.00 -17.06
N ASN B 39 7.67 -8.93 -17.25
CA ASN B 39 6.35 -8.81 -16.66
C ASN B 39 5.26 -8.71 -17.73
N CYS B 40 5.56 -9.16 -18.94
CA CYS B 40 4.65 -9.03 -20.08
C CYS B 40 4.23 -7.58 -20.37
N GLU B 41 5.07 -6.61 -19.99
CA GLU B 41 4.69 -5.20 -20.09
C GLU B 41 4.90 -4.62 -21.49
N LEU B 42 5.72 -5.28 -22.31
CA LEU B 42 6.11 -4.76 -23.63
C LEU B 42 5.28 -5.38 -24.74
N LEU B 43 4.99 -4.58 -25.77
CA LEU B 43 4.35 -5.10 -26.96
C LEU B 43 5.35 -5.91 -27.76
N GLU B 44 4.91 -7.05 -28.28
CA GLU B 44 5.78 -7.93 -29.09
C GLU B 44 5.97 -7.32 -30.46
N1 UDP C . -8.75 -5.99 -6.26
C2 UDP C . -9.91 -5.37 -6.79
N3 UDP C . -11.01 -6.09 -7.01
C4 UDP C . -11.05 -7.40 -6.71
C5 UDP C . -9.92 -8.06 -6.21
C6 UDP C . -8.77 -7.30 -5.97
O2 UDP C . -9.89 -4.13 -7.05
O4 UDP C . -12.10 -8.04 -6.91
C1' UDP C . -7.55 -5.18 -6.03
C2' UDP C . -7.25 -4.95 -4.55
O2' UDP C . -7.85 -3.77 -4.03
C3' UDP C . -5.74 -4.83 -4.55
C4' UDP C . -5.27 -5.69 -5.72
O4' UDP C . -6.40 -5.85 -6.57
O3' UDP C . -5.34 -3.48 -4.84
C5' UDP C . -4.79 -7.08 -5.29
O5' UDP C . -5.75 -7.58 -4.35
PA UDP C . -5.55 -9.01 -3.62
O1A UDP C . -6.64 -9.18 -2.59
O2A UDP C . -5.45 -10.06 -4.70
O3A UDP C . -4.12 -8.90 -2.90
PB UDP C . -3.54 -7.84 -1.84
O1B UDP C . -4.76 -7.23 -1.17
O2B UDP C . -2.69 -8.70 -0.94
O3B UDP C . -2.69 -6.91 -2.67
C1 GOL D . -0.28 -4.59 -2.44
O1 GOL D . -1.69 -4.57 -2.72
C2 GOL D . 0.39 -5.33 -3.60
O2 GOL D . -0.08 -6.69 -3.71
C3 GOL D . 1.89 -5.36 -3.42
O3 GOL D . 2.51 -5.68 -4.68
S SO4 E . -12.24 0.19 -11.39
O1 SO4 E . -13.38 0.87 -10.71
O2 SO4 E . -12.67 -0.34 -12.72
O3 SO4 E . -11.17 1.19 -11.56
O4 SO4 E . -11.76 -0.99 -10.62
S SO4 F . -20.18 -11.43 -8.27
O1 SO4 F . -20.80 -11.21 -6.95
O2 SO4 F . -21.24 -11.35 -9.30
O3 SO4 F . -19.16 -10.41 -8.55
O4 SO4 F . -19.54 -12.78 -8.33
S SO4 G . -3.77 16.25 -7.16
O1 SO4 G . -4.78 16.94 -6.31
O2 SO4 G . -3.95 16.69 -8.57
O3 SO4 G . -2.40 16.62 -6.70
O4 SO4 G . -3.97 14.78 -7.10
S SO4 H . -2.69 -5.77 15.81
O1 SO4 H . -1.80 -4.67 16.27
O2 SO4 H . -4.02 -5.22 15.52
O3 SO4 H . -2.09 -6.36 14.58
O4 SO4 H . -2.83 -6.83 16.84
S SO4 I . -13.60 -17.79 14.81
O1 SO4 I . -14.11 -16.76 13.88
O2 SO4 I . -13.86 -17.37 16.21
O3 SO4 I . -12.14 -17.91 14.64
O4 SO4 I . -14.25 -19.08 14.52
#